data_2ZHL
#
_entry.id   2ZHL
#
_cell.length_a   35.378
_cell.length_b   67.713
_cell.length_c   220.134
_cell.angle_alpha   90.00
_cell.angle_beta   90.00
_cell.angle_gamma   90.00
#
_symmetry.space_group_name_H-M   'P 21 21 21'
#
loop_
_entity.id
_entity.type
_entity.pdbx_description
1 polymer Galectin-9
2 branched beta-D-galactopyranose-(1-4)-2-acetamido-2-deoxy-beta-D-glucopyranose-(1-3)-beta-D-galactopyranose-(1-4)-2-acetamido-2-deoxy-beta-D-glucopyranose
3 water water
#
_entity_poly.entity_id   1
_entity_poly.type   'polypeptide(L)'
_entity_poly.pdbx_seq_one_letter_code
;MAFSGSQAPYLSPAVPFSGTIQGGLQDGLQITVNGTVLSSSGTRFAVNFQTGFSGNDIAFHFNPRFEDGGYVVCNTRQNG
SWGPEERKTHMPFQKGMPFDLCFLVQSSDFKVMVNGILFVQYFHRVPFHRVDTISVNGSVQLSYISFQ
;
_entity_poly.pdbx_strand_id   A,B,C,D
#
loop_
_chem_comp.id
_chem_comp.type
_chem_comp.name
_chem_comp.formula
GAL D-saccharide, beta linking beta-D-galactopyranose 'C6 H12 O6'
NAG D-saccharide, beta linking 2-acetamido-2-deoxy-beta-D-glucopyranose 'C8 H15 N O6'
#
# COMPACT_ATOMS: atom_id res chain seq x y z
N GLN A 7 -37.00 17.16 1.26
CA GLN A 7 -36.88 15.69 1.45
C GLN A 7 -35.97 15.33 2.62
N ALA A 8 -36.39 14.36 3.42
CA ALA A 8 -35.62 13.84 4.54
C ALA A 8 -34.36 13.12 4.03
N PRO A 9 -33.24 13.22 4.76
CA PRO A 9 -32.05 12.46 4.30
C PRO A 9 -32.16 10.95 4.46
N TYR A 10 -31.46 10.20 3.62
CA TYR A 10 -31.26 8.75 3.84
C TYR A 10 -30.05 8.62 4.76
N LEU A 11 -30.27 8.04 5.94
CA LEU A 11 -29.21 7.90 6.95
C LEU A 11 -28.66 6.49 6.92
N SER A 12 -27.34 6.37 6.89
CA SER A 12 -26.66 5.08 6.85
C SER A 12 -27.32 4.09 5.88
N PRO A 13 -27.54 4.49 4.63
CA PRO A 13 -28.15 3.52 3.72
C PRO A 13 -27.14 2.45 3.31
N ALA A 14 -27.55 1.19 3.23
CA ALA A 14 -26.63 0.12 2.87
C ALA A 14 -26.33 0.15 1.37
N VAL A 15 -25.09 -0.18 1.02
CA VAL A 15 -24.66 -0.25 -0.40
C VAL A 15 -24.66 -1.73 -0.85
N PRO A 16 -25.18 -2.04 -2.06
CA PRO A 16 -25.79 -1.12 -3.08
C PRO A 16 -27.11 -0.49 -2.62
N PHE A 17 -27.28 0.82 -2.88
CA PHE A 17 -28.45 1.61 -2.44
C PHE A 17 -29.12 1.97 -3.76
N SER A 18 -30.45 1.89 -3.90
CA SER A 18 -31.22 2.96 -4.52
C SER A 18 -32.36 3.61 -3.81
N GLY A 19 -32.57 4.88 -4.13
CA GLY A 19 -33.53 5.69 -3.40
C GLY A 19 -34.18 6.76 -4.25
N THR A 20 -35.47 6.98 -4.04
CA THR A 20 -36.19 8.01 -4.76
C THR A 20 -35.72 9.43 -4.45
N ILE A 21 -35.68 10.28 -5.47
CA ILE A 21 -35.49 11.71 -5.27
C ILE A 21 -36.85 12.37 -5.44
N GLN A 22 -37.46 12.79 -4.33
CA GLN A 22 -38.81 13.37 -4.33
C GLN A 22 -38.88 14.63 -5.20
N GLY A 23 -39.75 14.61 -6.19
CA GLY A 23 -39.87 15.73 -7.13
C GLY A 23 -38.97 15.59 -8.36
N GLY A 24 -38.02 14.66 -8.30
CA GLY A 24 -37.02 14.47 -9.35
C GLY A 24 -35.95 15.57 -9.31
N LEU A 25 -34.97 15.49 -10.22
CA LEU A 25 -34.01 16.59 -10.32
C LEU A 25 -34.67 17.88 -10.77
N GLN A 26 -34.37 18.95 -10.07
CA GLN A 26 -34.75 20.26 -10.56
C GLN A 26 -33.55 21.21 -10.58
N ASP A 27 -33.65 22.27 -11.36
CA ASP A 27 -32.56 23.23 -11.52
C ASP A 27 -32.30 23.88 -10.18
N GLY A 28 -31.05 23.78 -9.70
CA GLY A 28 -30.67 24.31 -8.41
C GLY A 28 -30.68 23.33 -7.24
N LEU A 29 -31.20 22.11 -7.47
CA LEU A 29 -31.15 21.03 -6.47
C LEU A 29 -29.69 20.65 -6.16
N GLN A 30 -29.39 20.45 -4.88
CA GLN A 30 -28.07 19.99 -4.46
C GLN A 30 -28.25 18.67 -3.68
N ILE A 31 -27.54 17.64 -4.13
CA ILE A 31 -27.65 16.30 -3.51
C ILE A 31 -26.28 16.04 -2.90
N THR A 32 -26.25 15.79 -1.59
CA THR A 32 -24.98 15.51 -0.91
C THR A 32 -24.90 14.00 -0.63
N VAL A 33 -23.75 13.41 -0.96
CA VAL A 33 -23.45 12.01 -0.64
C VAL A 33 -22.21 12.07 0.28
N ASN A 34 -22.38 11.66 1.54
CA ASN A 34 -21.32 11.70 2.54
C ASN A 34 -21.04 10.27 2.96
N GLY A 35 -19.77 9.88 2.94
CA GLY A 35 -19.45 8.50 3.19
C GLY A 35 -17.96 8.28 3.30
N THR A 36 -17.54 7.02 3.13
CA THR A 36 -16.14 6.67 3.24
C THR A 36 -15.81 5.72 2.11
N VAL A 37 -14.67 5.95 1.47
CA VAL A 37 -14.18 5.00 0.48
C VAL A 37 -13.54 3.85 1.24
N LEU A 38 -13.97 2.63 0.95
CA LEU A 38 -13.43 1.47 1.70
C LEU A 38 -11.93 1.29 1.36
N SER A 39 -11.16 0.80 2.33
CA SER A 39 -9.70 0.62 2.13
C SER A 39 -9.33 -0.51 1.20
N SER A 40 -10.03 -1.64 1.31
CA SER A 40 -9.59 -2.90 0.69
C SER A 40 -10.75 -3.70 0.18
N SER A 41 -11.75 -3.03 -0.40
CA SER A 41 -12.99 -3.69 -0.79
C SER A 41 -13.29 -3.39 -2.23
N GLY A 42 -12.27 -3.42 -3.09
CA GLY A 42 -12.46 -3.12 -4.50
C GLY A 42 -11.87 -1.81 -4.93
N THR A 43 -11.94 -1.52 -6.22
CA THR A 43 -11.22 -0.41 -6.76
C THR A 43 -12.11 0.61 -7.46
N ARG A 44 -13.44 0.48 -7.33
CA ARG A 44 -14.34 1.45 -7.96
C ARG A 44 -15.58 1.69 -7.14
N PHE A 45 -16.17 2.89 -7.26
CA PHE A 45 -17.55 3.07 -6.81
C PHE A 45 -18.31 3.98 -7.78
N ALA A 46 -19.62 4.06 -7.64
CA ALA A 46 -20.39 4.94 -8.53
C ALA A 46 -21.57 5.57 -7.81
N VAL A 47 -21.88 6.81 -8.19
CA VAL A 47 -23.15 7.44 -7.86
C VAL A 47 -23.87 7.63 -9.18
N ASN A 48 -25.13 7.18 -9.24
CA ASN A 48 -25.89 7.18 -10.48
C ASN A 48 -27.16 8.00 -10.27
N PHE A 49 -27.40 8.95 -11.16
CA PHE A 49 -28.68 9.67 -11.21
C PHE A 49 -29.46 9.09 -12.38
N GLN A 50 -30.55 8.41 -12.07
CA GLN A 50 -31.20 7.56 -13.06
C GLN A 50 -32.72 7.72 -13.01
N THR A 51 -33.36 7.15 -14.03
CA THR A 51 -34.80 7.15 -14.18
C THR A 51 -35.25 5.76 -13.77
N GLY A 52 -35.91 5.69 -12.63
CA GLY A 52 -36.41 4.43 -12.09
C GLY A 52 -35.33 3.58 -11.44
N PHE A 53 -35.68 2.34 -11.11
CA PHE A 53 -34.81 1.45 -10.33
C PHE A 53 -33.98 0.45 -11.14
N SER A 54 -34.18 0.41 -12.46
CA SER A 54 -33.58 -0.61 -13.31
C SER A 54 -32.09 -0.37 -13.63
N GLY A 55 -31.66 0.88 -13.74
CA GLY A 55 -30.26 1.13 -14.16
C GLY A 55 -29.99 1.10 -15.67
N ASN A 56 -31.04 0.97 -16.49
CA ASN A 56 -30.85 1.05 -17.94
C ASN A 56 -30.78 2.48 -18.47
N ASP A 57 -31.30 3.40 -17.69
CA ASP A 57 -31.29 4.78 -18.05
C ASP A 57 -30.71 5.60 -16.92
N ILE A 58 -29.40 5.80 -17.03
CA ILE A 58 -28.63 6.59 -16.05
C ILE A 58 -28.24 7.91 -16.74
N ALA A 59 -28.82 9.02 -16.29
CA ALA A 59 -28.54 10.31 -16.90
C ALA A 59 -27.10 10.74 -16.61
N PHE A 60 -26.63 10.41 -15.41
CA PHE A 60 -25.28 10.81 -14.99
C PHE A 60 -24.72 9.73 -14.06
N HIS A 61 -23.74 9.00 -14.56
CA HIS A 61 -22.96 8.01 -13.86
C HIS A 61 -21.62 8.66 -13.51
N PHE A 62 -21.35 8.74 -12.21
CA PHE A 62 -20.13 9.38 -11.69
C PHE A 62 -19.34 8.25 -11.00
N ASN A 63 -18.21 7.90 -11.59
CA ASN A 63 -17.57 6.61 -11.33
C ASN A 63 -16.07 6.71 -11.05
N PRO A 64 -15.69 7.00 -9.81
CA PRO A 64 -14.25 7.00 -9.51
C PRO A 64 -13.66 5.59 -9.55
N ARG A 65 -12.47 5.48 -10.16
CA ARG A 65 -11.76 4.22 -10.32
C ARG A 65 -10.33 4.36 -9.81
N PHE A 66 -9.95 3.54 -8.84
CA PHE A 66 -8.60 3.56 -8.25
C PHE A 66 -7.79 2.56 -9.05
N GLU A 67 -7.65 2.88 -10.34
CA GLU A 67 -7.05 2.01 -11.34
C GLU A 67 -6.29 2.89 -12.32
N ASP A 68 -5.23 2.33 -12.93
CA ASP A 68 -4.50 3.05 -14.01
C ASP A 68 -4.11 4.48 -13.63
N GLY A 69 -3.65 4.65 -12.39
CA GLY A 69 -3.24 5.96 -11.89
C GLY A 69 -4.31 6.76 -11.13
N GLY A 70 -5.55 6.32 -11.24
CA GLY A 70 -6.66 7.03 -10.58
C GLY A 70 -7.34 7.96 -11.53
N TYR A 71 -8.64 7.71 -11.78
CA TYR A 71 -9.42 8.59 -12.65
C TYR A 71 -10.90 8.44 -12.35
N VAL A 72 -11.71 9.37 -12.81
CA VAL A 72 -13.17 9.32 -12.61
C VAL A 72 -13.83 9.28 -13.97
N VAL A 73 -14.73 8.30 -14.16
CA VAL A 73 -15.51 8.21 -15.38
C VAL A 73 -16.84 8.90 -15.18
N CYS A 74 -17.20 9.73 -16.16
CA CYS A 74 -18.52 10.33 -16.19
C CYS A 74 -19.18 9.86 -17.50
N ASN A 75 -20.42 9.41 -17.40
CA ASN A 75 -21.07 8.89 -18.61
C ASN A 75 -22.57 8.85 -18.44
N THR A 76 -23.26 8.45 -19.50
CA THR A 76 -24.71 8.35 -19.52
C THR A 76 -25.02 7.00 -20.15
N ARG A 77 -26.01 6.33 -19.57
CA ARG A 77 -26.54 5.10 -20.15
C ARG A 77 -27.96 5.37 -20.62
N GLN A 78 -28.27 5.00 -21.87
CA GLN A 78 -29.62 5.25 -22.42
C GLN A 78 -30.09 3.97 -23.06
N ASN A 79 -31.26 3.48 -22.66
CA ASN A 79 -31.77 2.20 -23.19
C ASN A 79 -30.75 1.08 -23.13
N GLY A 80 -29.98 1.05 -22.06
CA GLY A 80 -29.04 -0.02 -21.80
C GLY A 80 -27.70 0.15 -22.48
N SER A 81 -27.51 1.25 -23.20
CA SER A 81 -26.25 1.50 -23.91
C SER A 81 -25.46 2.66 -23.30
N TRP A 82 -24.20 2.40 -22.99
CA TRP A 82 -23.30 3.44 -22.50
C TRP A 82 -22.83 4.30 -23.65
N GLY A 83 -22.76 5.60 -23.41
CA GLY A 83 -22.23 6.57 -24.34
C GLY A 83 -20.71 6.71 -24.23
N PRO A 84 -20.15 7.75 -24.89
CA PRO A 84 -18.71 7.97 -24.85
C PRO A 84 -18.32 8.50 -23.47
N GLU A 85 -17.36 7.85 -22.82
CA GLU A 85 -16.92 8.27 -21.48
C GLU A 85 -16.18 9.60 -21.52
N GLU A 86 -16.42 10.43 -20.50
CA GLU A 86 -15.59 11.58 -20.20
C GLU A 86 -14.75 11.25 -18.97
N ARG A 87 -13.43 11.12 -19.13
CA ARG A 87 -12.57 10.75 -18.00
C ARG A 87 -11.81 11.96 -17.45
N LYS A 88 -11.94 12.17 -16.16
CA LYS A 88 -11.14 13.19 -15.48
C LYS A 88 -9.99 12.42 -14.83
N THR A 89 -8.74 12.70 -15.25
CA THR A 89 -7.60 11.87 -14.88
C THR A 89 -7.02 12.36 -13.53
N HIS A 90 -7.92 12.78 -12.66
CA HIS A 90 -7.60 13.21 -11.29
C HIS A 90 -8.50 12.34 -10.38
N MET A 91 -7.95 11.91 -9.25
CA MET A 91 -8.68 11.15 -8.25
C MET A 91 -8.72 11.97 -6.96
N PRO A 92 -9.84 12.64 -6.69
CA PRO A 92 -10.03 13.47 -5.50
C PRO A 92 -10.38 12.69 -4.22
N PHE A 93 -10.62 11.38 -4.32
CA PHE A 93 -10.94 10.53 -3.18
C PHE A 93 -9.71 9.71 -2.87
N GLN A 94 -9.73 9.02 -1.74
CA GLN A 94 -8.59 8.23 -1.29
C GLN A 94 -9.15 7.02 -0.57
N LYS A 95 -8.61 5.83 -0.87
CA LYS A 95 -9.07 4.62 -0.22
C LYS A 95 -8.93 4.74 1.29
N GLY A 96 -9.99 4.34 2.00
CA GLY A 96 -10.03 4.42 3.46
C GLY A 96 -10.40 5.78 4.02
N MET A 97 -10.66 6.77 3.18
CA MET A 97 -10.86 8.13 3.68
C MET A 97 -12.29 8.60 3.50
N PRO A 98 -12.78 9.43 4.44
CA PRO A 98 -14.12 9.99 4.32
C PRO A 98 -14.20 11.05 3.21
N PHE A 99 -15.38 11.25 2.64
CA PHE A 99 -15.54 12.30 1.64
C PHE A 99 -16.91 12.94 1.76
N ASP A 100 -16.98 14.16 1.25
CA ASP A 100 -18.22 14.86 1.06
C ASP A 100 -18.32 15.17 -0.43
N LEU A 101 -19.35 14.64 -1.07
CA LEU A 101 -19.54 14.76 -2.49
C LEU A 101 -20.86 15.50 -2.69
N CYS A 102 -20.87 16.57 -3.48
CA CYS A 102 -22.11 17.32 -3.63
C CYS A 102 -22.36 17.51 -5.11
N PHE A 103 -23.59 17.21 -5.57
CA PHE A 103 -23.96 17.40 -6.96
C PHE A 103 -24.92 18.56 -7.07
N LEU A 104 -24.57 19.54 -7.91
CA LEU A 104 -25.44 20.70 -8.15
C LEU A 104 -26.01 20.50 -9.54
N VAL A 105 -27.33 20.49 -9.61
CA VAL A 105 -28.02 20.45 -10.87
C VAL A 105 -28.21 21.88 -11.37
N GLN A 106 -27.64 22.15 -12.54
CA GLN A 106 -27.80 23.44 -13.25
C GLN A 106 -28.54 23.21 -14.59
N SER A 107 -28.93 24.28 -15.31
CA SER A 107 -29.68 24.07 -16.56
C SER A 107 -28.95 23.26 -17.62
N SER A 108 -27.64 23.49 -17.79
CA SER A 108 -26.92 22.88 -18.87
C SER A 108 -26.05 21.72 -18.42
N ASP A 109 -25.80 21.63 -17.12
CA ASP A 109 -24.82 20.67 -16.60
C ASP A 109 -24.99 20.36 -15.11
N PHE A 110 -24.32 19.28 -14.68
CA PHE A 110 -24.15 18.98 -13.27
C PHE A 110 -22.81 19.56 -12.92
N LYS A 111 -22.74 20.20 -11.77
CA LYS A 111 -21.45 20.53 -11.18
C LYS A 111 -21.20 19.62 -9.98
N VAL A 112 -19.97 19.13 -9.86
CA VAL A 112 -19.65 18.15 -8.83
C VAL A 112 -18.54 18.70 -7.95
N MET A 113 -18.85 18.85 -6.66
CA MET A 113 -17.87 19.33 -5.68
C MET A 113 -17.45 18.15 -4.79
N VAL A 114 -16.13 18.04 -4.55
CA VAL A 114 -15.58 17.02 -3.67
C VAL A 114 -14.81 17.74 -2.57
N ASN A 115 -15.22 17.50 -1.32
CA ASN A 115 -14.55 18.07 -0.14
C ASN A 115 -14.43 19.59 -0.24
N GLY A 116 -15.53 20.22 -0.68
CA GLY A 116 -15.64 21.67 -0.77
C GLY A 116 -15.02 22.34 -1.99
N ILE A 117 -14.52 21.55 -2.94
CA ILE A 117 -13.83 22.08 -4.12
C ILE A 117 -14.52 21.54 -5.37
N LEU A 118 -14.85 22.43 -6.32
CA LEU A 118 -15.38 22.02 -7.60
C LEU A 118 -14.40 21.05 -8.27
N PHE A 119 -14.90 19.87 -8.63
CA PHE A 119 -14.10 18.82 -9.24
C PHE A 119 -14.28 18.71 -10.75
N VAL A 120 -15.53 18.60 -11.19
CA VAL A 120 -15.80 18.40 -12.61
C VAL A 120 -17.21 18.92 -12.93
N GLN A 121 -17.47 19.28 -14.19
CA GLN A 121 -18.84 19.53 -14.64
C GLN A 121 -19.15 18.48 -15.70
N TYR A 122 -20.44 18.18 -15.82
CA TYR A 122 -20.88 17.21 -16.80
C TYR A 122 -22.10 17.77 -17.49
N PHE A 123 -21.98 18.04 -18.79
CA PHE A 123 -23.10 18.61 -19.53
C PHE A 123 -24.19 17.57 -19.76
N HIS A 124 -25.44 17.97 -19.52
CA HIS A 124 -26.58 17.05 -19.71
C HIS A 124 -26.58 16.46 -21.10
N ARG A 125 -26.84 15.16 -21.19
CA ARG A 125 -26.97 14.47 -22.49
C ARG A 125 -28.41 14.03 -22.70
N VAL A 126 -29.16 13.96 -21.59
CA VAL A 126 -30.58 13.62 -21.58
C VAL A 126 -31.28 14.58 -20.60
N PRO A 127 -32.61 14.77 -20.76
CA PRO A 127 -33.31 15.69 -19.89
C PRO A 127 -33.24 15.30 -18.41
N PHE A 128 -32.76 16.22 -17.58
CA PHE A 128 -32.55 15.93 -16.16
C PHE A 128 -33.83 15.78 -15.33
N HIS A 129 -34.92 16.42 -15.77
CA HIS A 129 -36.19 16.39 -15.03
C HIS A 129 -36.74 14.97 -14.95
N ARG A 130 -36.30 14.11 -15.88
CA ARG A 130 -36.69 12.70 -15.92
C ARG A 130 -35.96 11.84 -14.86
N VAL A 131 -34.93 12.40 -14.22
CA VAL A 131 -34.21 11.65 -13.18
C VAL A 131 -35.00 11.69 -11.87
N ASP A 132 -35.33 10.54 -11.32
CA ASP A 132 -36.07 10.52 -10.06
C ASP A 132 -35.45 9.58 -9.02
N THR A 133 -34.23 9.08 -9.29
CA THR A 133 -33.61 8.04 -8.46
C THR A 133 -32.11 8.22 -8.36
N ILE A 134 -31.60 8.09 -7.15
CA ILE A 134 -30.17 8.02 -6.92
C ILE A 134 -29.77 6.62 -6.50
N SER A 135 -28.74 6.07 -7.14
CA SER A 135 -28.16 4.79 -6.71
C SER A 135 -26.68 4.93 -6.48
N VAL A 136 -26.19 4.17 -5.52
CA VAL A 136 -24.76 4.14 -5.21
C VAL A 136 -24.37 2.69 -5.10
N ASN A 137 -23.24 2.34 -5.73
CA ASN A 137 -22.73 0.99 -5.58
C ASN A 137 -21.21 0.98 -5.51
N GLY A 138 -20.65 -0.16 -5.15
CA GLY A 138 -19.19 -0.32 -5.15
C GLY A 138 -18.49 -0.14 -3.81
N SER A 139 -17.23 0.27 -3.90
CA SER A 139 -16.32 0.20 -2.75
C SER A 139 -16.48 1.39 -1.82
N VAL A 140 -17.68 1.58 -1.29
CA VAL A 140 -17.96 2.71 -0.36
C VAL A 140 -18.95 2.28 0.70
N GLN A 141 -18.91 3.00 1.81
CA GLN A 141 -19.91 2.91 2.87
C GLN A 141 -20.50 4.30 2.96
N LEU A 142 -21.82 4.38 3.17
CA LEU A 142 -22.48 5.69 3.17
C LEU A 142 -22.90 6.09 4.57
N SER A 143 -22.68 7.35 4.91
CA SER A 143 -23.22 7.90 6.15
C SER A 143 -24.56 8.56 5.88
N TYR A 144 -24.66 9.37 4.82
CA TYR A 144 -25.94 9.97 4.49
C TYR A 144 -26.00 10.48 3.07
N ILE A 145 -27.22 10.58 2.57
CA ILE A 145 -27.50 11.27 1.31
C ILE A 145 -28.57 12.27 1.67
N SER A 146 -28.28 13.55 1.40
CA SER A 146 -29.24 14.63 1.74
C SER A 146 -29.55 15.49 0.53
N PHE A 147 -30.66 16.24 0.65
CA PHE A 147 -31.23 16.98 -0.46
C PHE A 147 -31.58 18.38 -0.01
N GLN A 148 -31.16 19.38 -0.77
CA GLN A 148 -31.71 20.73 -0.57
C GLN A 148 -31.97 21.47 -1.88
N GLN B 7 -26.79 -13.85 -2.35
CA GLN B 7 -25.77 -12.78 -2.60
C GLN B 7 -24.92 -13.07 -3.83
N ALA B 8 -24.70 -12.04 -4.66
CA ALA B 8 -23.85 -12.12 -5.85
C ALA B 8 -22.38 -12.38 -5.46
N PRO B 9 -21.64 -13.11 -6.32
CA PRO B 9 -20.22 -13.35 -5.97
C PRO B 9 -19.34 -12.11 -6.11
N TYR B 10 -18.19 -12.11 -5.45
CA TYR B 10 -17.17 -11.11 -5.69
C TYR B 10 -16.23 -11.71 -6.70
N LEU B 11 -16.15 -11.10 -7.89
CA LEU B 11 -15.31 -11.61 -8.97
C LEU B 11 -13.97 -10.89 -9.04
N SER B 12 -12.89 -11.67 -9.14
CA SER B 12 -11.50 -11.17 -9.19
C SER B 12 -11.22 -10.01 -8.22
N PRO B 13 -11.57 -10.20 -6.95
CA PRO B 13 -11.25 -9.19 -5.94
C PRO B 13 -9.73 -9.10 -5.74
N ALA B 14 -9.19 -7.89 -5.75
CA ALA B 14 -7.78 -7.67 -5.45
C ALA B 14 -7.51 -8.01 -3.99
N VAL B 15 -6.35 -8.60 -3.70
CA VAL B 15 -5.93 -8.93 -2.33
C VAL B 15 -4.95 -7.85 -1.84
N PRO B 16 -5.12 -7.39 -0.58
CA PRO B 16 -6.14 -7.80 0.41
C PRO B 16 -7.55 -7.32 0.10
N PHE B 17 -8.56 -8.18 0.34
CA PHE B 17 -10.00 -7.89 0.09
C PHE B 17 -10.60 -7.98 1.49
N SER B 18 -11.46 -7.06 1.93
CA SER B 18 -12.77 -7.34 2.54
C SER B 18 -14.12 -7.14 1.89
N GLY B 19 -15.02 -8.10 2.09
CA GLY B 19 -16.34 -8.05 1.44
C GLY B 19 -17.42 -8.30 2.48
N THR B 20 -18.53 -7.59 2.36
CA THR B 20 -19.65 -7.84 3.26
C THR B 20 -20.32 -9.17 2.95
N ILE B 21 -20.68 -9.89 4.00
CA ILE B 21 -21.54 -11.06 3.88
C ILE B 21 -22.96 -10.59 4.19
N GLN B 22 -23.79 -10.45 3.16
CA GLN B 22 -25.16 -9.95 3.30
C GLN B 22 -26.01 -10.89 4.15
N GLY B 23 -26.62 -10.35 5.20
CA GLY B 23 -27.36 -11.15 6.16
C GLY B 23 -26.48 -11.83 7.20
N GLY B 24 -25.16 -11.63 7.12
CA GLY B 24 -24.24 -12.23 8.08
C GLY B 24 -24.14 -13.75 7.94
N LEU B 25 -23.32 -14.37 8.77
CA LEU B 25 -23.21 -15.83 8.73
C LEU B 25 -24.50 -16.43 9.24
N GLN B 26 -24.90 -17.53 8.61
CA GLN B 26 -26.09 -18.29 9.02
C GLN B 26 -25.77 -19.76 9.04
N ASP B 27 -26.49 -20.49 9.90
CA ASP B 27 -26.27 -21.92 10.05
C ASP B 27 -26.71 -22.59 8.75
N GLY B 28 -25.74 -23.15 8.04
CA GLY B 28 -26.00 -23.76 6.74
C GLY B 28 -25.40 -22.96 5.58
N LEU B 29 -24.97 -21.72 5.82
CA LEU B 29 -24.37 -20.90 4.76
C LEU B 29 -23.07 -21.56 4.31
N GLN B 30 -22.83 -21.54 3.00
CA GLN B 30 -21.60 -22.04 2.38
C GLN B 30 -20.91 -20.84 1.69
N ILE B 31 -19.60 -20.69 1.93
CA ILE B 31 -18.84 -19.60 1.33
C ILE B 31 -17.65 -20.23 0.63
N THR B 32 -17.51 -20.00 -0.67
CA THR B 32 -16.38 -20.54 -1.43
C THR B 32 -15.36 -19.45 -1.66
N VAL B 33 -14.08 -19.80 -1.51
CA VAL B 33 -12.99 -18.90 -1.84
C VAL B 33 -12.16 -19.65 -2.88
N ASN B 34 -12.12 -19.11 -4.09
CA ASN B 34 -11.42 -19.78 -5.19
C ASN B 34 -10.27 -18.87 -5.64
N GLY B 35 -9.06 -19.40 -5.62
CA GLY B 35 -7.92 -18.54 -5.97
C GLY B 35 -6.67 -19.36 -6.25
N THR B 36 -5.52 -18.73 -6.13
CA THR B 36 -4.24 -19.38 -6.46
C THR B 36 -3.22 -18.87 -5.46
N VAL B 37 -2.43 -19.78 -4.91
CA VAL B 37 -1.35 -19.37 -4.01
C VAL B 37 -0.21 -18.84 -4.85
N LEU B 38 0.28 -17.64 -4.49
CA LEU B 38 1.40 -17.05 -5.25
C LEU B 38 2.69 -17.88 -5.15
N SER B 39 3.45 -17.91 -6.24
CA SER B 39 4.63 -18.79 -6.29
C SER B 39 5.91 -18.22 -5.72
N SER B 40 6.11 -16.91 -5.80
CA SER B 40 7.37 -16.30 -5.33
C SER B 40 7.14 -15.01 -4.58
N SER B 41 6.18 -15.09 -3.67
CA SER B 41 5.88 -14.00 -2.82
C SER B 41 6.31 -14.54 -1.44
N GLY B 42 5.44 -14.37 -0.46
CA GLY B 42 5.69 -14.82 0.88
C GLY B 42 5.12 -16.21 1.13
N THR B 43 5.04 -16.55 2.42
CA THR B 43 4.73 -17.89 2.84
C THR B 43 3.43 -18.06 3.56
N ARG B 44 2.60 -17.00 3.57
CA ARG B 44 1.33 -17.05 4.33
C ARG B 44 0.18 -16.47 3.57
N PHE B 45 -1.00 -17.02 3.77
CA PHE B 45 -2.21 -16.28 3.44
C PHE B 45 -3.27 -16.59 4.48
N ALA B 46 -4.32 -15.78 4.52
CA ALA B 46 -5.38 -15.95 5.51
C ALA B 46 -6.74 -15.65 4.93
N VAL B 47 -7.72 -16.45 5.35
CA VAL B 47 -9.12 -16.13 5.18
C VAL B 47 -9.71 -15.86 6.58
N ASN B 48 -10.30 -14.69 6.76
CA ASN B 48 -10.86 -14.28 8.06
C ASN B 48 -12.35 -14.04 7.95
N PHE B 49 -13.09 -14.58 8.90
CA PHE B 49 -14.52 -14.31 9.06
C PHE B 49 -14.62 -13.41 10.29
N GLN B 50 -15.02 -12.16 10.08
CA GLN B 50 -14.82 -11.18 11.12
C GLN B 50 -16.02 -10.26 11.23
N THR B 51 -16.00 -9.48 12.29
CA THR B 51 -17.10 -8.55 12.57
C THR B 51 -16.57 -7.16 12.24
N GLY B 52 -17.12 -6.57 11.18
CA GLY B 52 -16.65 -5.28 10.72
C GLY B 52 -15.28 -5.25 10.08
N PHE B 53 -14.72 -4.05 9.91
CA PHE B 53 -13.47 -3.89 9.18
C PHE B 53 -12.20 -3.73 10.07
N SER B 54 -12.35 -3.72 11.39
CA SER B 54 -11.23 -3.44 12.26
C SER B 54 -10.14 -4.50 12.17
N GLY B 55 -10.56 -5.75 12.03
CA GLY B 55 -9.62 -6.87 12.12
C GLY B 55 -9.29 -7.22 13.55
N ASN B 56 -9.93 -6.56 14.52
CA ASN B 56 -9.68 -6.87 15.93
C ASN B 56 -10.58 -7.98 16.45
N ASP B 57 -11.71 -8.22 15.78
CA ASP B 57 -12.63 -9.28 16.14
C ASP B 57 -12.81 -10.23 14.99
N ILE B 58 -12.00 -11.29 15.00
CA ILE B 58 -12.05 -12.31 13.92
C ILE B 58 -12.56 -13.63 14.53
N ALA B 59 -13.75 -14.05 14.14
CA ALA B 59 -14.36 -15.23 14.71
C ALA B 59 -13.60 -16.48 14.27
N PHE B 60 -13.09 -16.46 13.04
CA PHE B 60 -12.37 -17.62 12.50
C PHE B 60 -11.32 -17.09 11.53
N HIS B 61 -10.06 -17.34 11.86
CA HIS B 61 -8.86 -16.99 11.07
C HIS B 61 -8.31 -18.36 10.60
N PHE B 62 -8.24 -18.53 9.28
CA PHE B 62 -7.80 -19.77 8.64
C PHE B 62 -6.52 -19.38 7.88
N ASN B 63 -5.39 -19.91 8.31
CA ASN B 63 -4.09 -19.32 7.95
C ASN B 63 -3.03 -20.36 7.54
N PRO B 64 -3.03 -20.76 6.24
CA PRO B 64 -1.92 -21.64 5.79
C PRO B 64 -0.55 -20.93 5.83
N ARG B 65 0.46 -21.66 6.32
CA ARG B 65 1.81 -21.14 6.42
C ARG B 65 2.78 -22.15 5.78
N PHE B 66 3.46 -21.74 4.71
CA PHE B 66 4.45 -22.57 4.01
C PHE B 66 5.79 -22.42 4.69
N GLU B 67 5.83 -22.88 5.94
CA GLU B 67 6.97 -22.73 6.81
C GLU B 67 7.05 -23.99 7.64
N ASP B 68 8.26 -24.35 8.06
CA ASP B 68 8.47 -25.45 9.00
C ASP B 68 7.90 -26.76 8.49
N GLY B 69 7.89 -26.93 7.17
CA GLY B 69 7.34 -28.14 6.54
C GLY B 69 5.91 -27.97 6.05
N GLY B 70 5.29 -26.84 6.39
CA GLY B 70 3.92 -26.52 5.94
C GLY B 70 2.93 -26.87 7.05
N TYR B 71 2.13 -25.90 7.46
CA TYR B 71 1.06 -26.13 8.45
C TYR B 71 -0.02 -25.07 8.31
N VAL B 72 -1.19 -25.34 8.88
CA VAL B 72 -2.30 -24.38 8.84
C VAL B 72 -2.65 -24.01 10.26
N VAL B 73 -2.80 -22.71 10.51
CA VAL B 73 -3.21 -22.20 11.82
C VAL B 73 -4.68 -21.78 11.80
N CYS B 74 -5.45 -22.23 12.78
CA CYS B 74 -6.81 -21.74 12.93
C CYS B 74 -6.87 -21.05 14.29
N ASN B 75 -7.52 -19.89 14.33
CA ASN B 75 -7.60 -19.17 15.60
C ASN B 75 -8.78 -18.19 15.57
N THR B 76 -8.95 -17.51 16.70
CA THR B 76 -9.97 -16.50 16.88
C THR B 76 -9.28 -15.28 17.51
N ARG B 77 -9.63 -14.07 17.05
CA ARG B 77 -9.11 -12.84 17.62
C ARG B 77 -10.30 -12.10 18.25
N GLN B 78 -10.14 -11.67 19.50
CA GLN B 78 -11.24 -11.02 20.21
C GLN B 78 -10.68 -9.79 20.88
N ASN B 79 -11.27 -8.63 20.56
CA ASN B 79 -10.80 -7.40 21.19
C ASN B 79 -9.33 -7.19 20.90
N GLY B 80 -8.86 -7.70 19.76
CA GLY B 80 -7.46 -7.59 19.42
C GLY B 80 -6.52 -8.68 19.92
N SER B 81 -7.04 -9.63 20.72
CA SER B 81 -6.19 -10.69 21.30
C SER B 81 -6.45 -12.05 20.65
N TRP B 82 -5.37 -12.71 20.23
CA TRP B 82 -5.48 -14.09 19.69
C TRP B 82 -5.63 -15.14 20.79
N GLY B 83 -6.50 -16.12 20.54
CA GLY B 83 -6.71 -17.25 21.43
C GLY B 83 -5.69 -18.37 21.21
N PRO B 84 -5.95 -19.56 21.77
CA PRO B 84 -5.01 -20.70 21.55
C PRO B 84 -5.13 -21.20 20.11
N GLU B 85 -4.00 -21.42 19.45
CA GLU B 85 -3.99 -21.86 18.06
C GLU B 85 -4.31 -23.35 17.95
N GLU B 86 -5.05 -23.69 16.92
CA GLU B 86 -5.19 -25.07 16.47
C GLU B 86 -4.35 -25.17 15.20
N ARG B 87 -3.38 -26.07 15.21
CA ARG B 87 -2.51 -26.21 14.05
C ARG B 87 -2.68 -27.58 13.44
N LYS B 88 -2.72 -27.65 12.13
CA LYS B 88 -2.65 -28.95 11.47
C LYS B 88 -1.40 -28.98 10.61
N THR B 89 -0.66 -30.07 10.65
CA THR B 89 0.58 -30.12 9.86
C THR B 89 0.31 -30.65 8.44
N HIS B 90 -0.91 -31.10 8.19
CA HIS B 90 -1.34 -31.47 6.85
C HIS B 90 -1.57 -30.18 6.08
N MET B 91 -0.80 -29.98 4.99
CA MET B 91 -0.83 -28.76 4.16
C MET B 91 -1.42 -29.07 2.78
N PRO B 92 -2.70 -28.74 2.57
CA PRO B 92 -3.45 -29.14 1.40
C PRO B 92 -3.35 -28.11 0.24
N PHE B 93 -2.47 -27.12 0.36
CA PHE B 93 -2.19 -26.10 -0.65
C PHE B 93 -0.75 -26.25 -1.12
N GLN B 94 -0.44 -25.63 -2.27
CA GLN B 94 0.90 -25.68 -2.84
C GLN B 94 1.17 -24.32 -3.47
N LYS B 95 2.36 -23.78 -3.26
CA LYS B 95 2.74 -22.51 -3.90
C LYS B 95 2.58 -22.61 -5.41
N GLY B 96 2.00 -21.56 -5.99
CA GLY B 96 1.78 -21.49 -7.44
C GLY B 96 0.54 -22.19 -7.95
N MET B 97 -0.20 -22.89 -7.09
CA MET B 97 -1.28 -23.76 -7.52
C MET B 97 -2.67 -23.23 -7.12
N PRO B 98 -3.66 -23.47 -7.98
CA PRO B 98 -5.03 -23.07 -7.63
C PRO B 98 -5.65 -23.93 -6.51
N PHE B 99 -6.62 -23.35 -5.81
CA PHE B 99 -7.36 -24.08 -4.82
C PHE B 99 -8.82 -23.65 -4.81
N ASP B 100 -9.66 -24.53 -4.28
CA ASP B 100 -11.02 -24.22 -3.97
C ASP B 100 -11.23 -24.51 -2.51
N LEU B 101 -11.57 -23.47 -1.77
CA LEU B 101 -11.73 -23.53 -0.33
C LEU B 101 -13.22 -23.29 -0.07
N CYS B 102 -13.87 -24.19 0.68
CA CYS B 102 -15.29 -24.02 0.97
C CYS B 102 -15.50 -24.07 2.45
N PHE B 103 -16.16 -23.04 2.99
CA PHE B 103 -16.49 -22.98 4.40
C PHE B 103 -17.99 -23.22 4.60
N LEU B 104 -18.33 -24.21 5.44
CA LEU B 104 -19.73 -24.47 5.76
C LEU B 104 -19.95 -24.11 7.22
N VAL B 105 -20.90 -23.21 7.46
CA VAL B 105 -21.23 -22.81 8.84
C VAL B 105 -22.21 -23.82 9.45
N GLN B 106 -21.84 -24.42 10.57
CA GLN B 106 -22.72 -25.35 11.27
C GLN B 106 -22.97 -24.87 12.70
N SER B 107 -23.86 -25.52 13.45
CA SER B 107 -24.26 -24.92 14.74
C SER B 107 -23.11 -24.82 15.74
N SER B 108 -22.23 -25.82 15.79
CA SER B 108 -21.14 -25.80 16.77
C SER B 108 -19.78 -25.53 16.15
N ASP B 109 -19.67 -25.64 14.83
CA ASP B 109 -18.37 -25.43 14.20
C ASP B 109 -18.46 -24.98 12.73
N PHE B 110 -17.34 -24.50 12.17
CA PHE B 110 -17.20 -24.41 10.71
C PHE B 110 -16.63 -25.74 10.23
N LYS B 111 -17.06 -26.19 9.06
CA LYS B 111 -16.37 -27.28 8.34
C LYS B 111 -15.63 -26.68 7.14
N VAL B 112 -14.39 -27.11 6.90
CA VAL B 112 -13.60 -26.51 5.82
C VAL B 112 -13.19 -27.61 4.85
N MET B 113 -13.60 -27.47 3.59
CA MET B 113 -13.24 -28.41 2.53
C MET B 113 -12.18 -27.74 1.67
N VAL B 114 -11.17 -28.50 1.26
CA VAL B 114 -10.17 -27.97 0.37
C VAL B 114 -10.20 -28.87 -0.84
N ASN B 115 -10.51 -28.27 -2.00
CA ASN B 115 -10.53 -28.99 -3.26
C ASN B 115 -11.49 -30.16 -3.18
N GLY B 116 -12.66 -29.88 -2.58
CA GLY B 116 -13.75 -30.85 -2.49
C GLY B 116 -13.65 -31.90 -1.39
N ILE B 117 -12.60 -31.84 -0.57
CA ILE B 117 -12.40 -32.82 0.49
C ILE B 117 -12.36 -32.14 1.85
N LEU B 118 -13.06 -32.73 2.82
CA LEU B 118 -12.99 -32.27 4.21
C LEU B 118 -11.56 -32.20 4.71
N PHE B 119 -11.20 -31.01 5.20
CA PHE B 119 -9.85 -30.75 5.64
C PHE B 119 -9.84 -30.56 7.15
N VAL B 120 -10.59 -29.57 7.66
CA VAL B 120 -10.62 -29.31 9.11
C VAL B 120 -12.00 -28.87 9.57
N GLN B 121 -12.19 -28.91 10.89
CA GLN B 121 -13.35 -28.30 11.52
C GLN B 121 -12.80 -27.28 12.50
N TYR B 122 -13.63 -26.32 12.91
CA TYR B 122 -13.19 -25.33 13.88
C TYR B 122 -14.39 -24.97 14.76
N PHE B 123 -14.36 -25.30 16.05
CA PHE B 123 -15.52 -25.01 16.90
C PHE B 123 -15.70 -23.51 17.08
N HIS B 124 -16.94 -23.03 17.04
CA HIS B 124 -17.16 -21.60 17.32
C HIS B 124 -16.70 -21.22 18.72
N ARG B 125 -15.95 -20.12 18.79
CA ARG B 125 -15.54 -19.54 20.07
C ARG B 125 -16.33 -18.28 20.39
N VAL B 126 -16.82 -17.64 19.35
CA VAL B 126 -17.71 -16.47 19.46
C VAL B 126 -18.93 -16.75 18.60
N PRO B 127 -20.08 -16.08 18.87
CA PRO B 127 -21.27 -16.28 18.05
C PRO B 127 -21.04 -15.93 16.60
N PHE B 128 -21.37 -16.85 15.69
CA PHE B 128 -21.10 -16.60 14.27
C PHE B 128 -22.06 -15.58 13.65
N HIS B 129 -23.24 -15.41 14.24
CA HIS B 129 -24.22 -14.49 13.62
C HIS B 129 -23.70 -13.05 13.61
N ARG B 130 -22.71 -12.74 14.46
CA ARG B 130 -22.08 -11.40 14.50
C ARG B 130 -21.00 -11.19 13.43
N VAL B 131 -20.71 -12.23 12.65
CA VAL B 131 -19.76 -12.12 11.55
C VAL B 131 -20.48 -11.59 10.31
N ASP B 132 -20.01 -10.45 9.81
CA ASP B 132 -20.60 -9.88 8.61
C ASP B 132 -19.61 -9.60 7.50
N THR B 133 -18.36 -10.03 7.67
CA THR B 133 -17.31 -9.63 6.74
C THR B 133 -16.41 -10.82 6.44
N ILE B 134 -16.13 -11.06 5.16
CA ILE B 134 -15.01 -11.99 4.82
C ILE B 134 -13.77 -11.17 4.38
N SER B 135 -12.60 -11.49 4.95
CA SER B 135 -11.35 -10.85 4.52
C SER B 135 -10.31 -11.86 4.09
N VAL B 136 -9.61 -11.53 3.00
CA VAL B 136 -8.52 -12.40 2.50
C VAL B 136 -7.26 -11.54 2.37
N ASN B 137 -6.14 -12.03 2.92
CA ASN B 137 -4.87 -11.33 2.77
C ASN B 137 -3.70 -12.27 2.57
N GLY B 138 -2.57 -11.72 2.16
CA GLY B 138 -1.35 -12.49 2.08
C GLY B 138 -1.02 -12.95 0.66
N SER B 139 -0.32 -14.07 0.58
CA SER B 139 0.34 -14.49 -0.67
C SER B 139 -0.57 -15.32 -1.57
N VAL B 140 -1.69 -14.70 -1.95
CA VAL B 140 -2.72 -15.35 -2.76
C VAL B 140 -3.28 -14.32 -3.76
N GLN B 141 -3.77 -14.83 -4.88
CA GLN B 141 -4.67 -14.03 -5.72
C GLN B 141 -5.98 -14.78 -5.79
N LEU B 142 -7.05 -14.04 -5.95
CA LEU B 142 -8.39 -14.59 -5.90
C LEU B 142 -9.07 -14.54 -7.26
N SER B 143 -9.79 -15.61 -7.59
CA SER B 143 -10.65 -15.63 -8.75
C SER B 143 -12.06 -15.25 -8.36
N TYR B 144 -12.58 -15.85 -7.28
CA TYR B 144 -13.87 -15.40 -6.75
C TYR B 144 -14.13 -15.78 -5.32
N ILE B 145 -15.08 -15.07 -4.72
CA ILE B 145 -15.70 -15.46 -3.46
C ILE B 145 -17.21 -15.55 -3.69
N SER B 146 -17.80 -16.67 -3.32
CA SER B 146 -19.23 -16.90 -3.56
C SER B 146 -19.95 -17.39 -2.32
N PHE B 147 -21.27 -17.25 -2.34
CA PHE B 147 -22.12 -17.53 -1.19
C PHE B 147 -23.31 -18.32 -1.66
N GLN B 148 -23.63 -19.37 -0.92
CA GLN B 148 -24.82 -20.18 -1.21
C GLN B 148 -25.50 -20.56 0.09
N GLN C 7 -3.66 24.55 4.02
CA GLN C 7 -3.43 23.10 4.27
C GLN C 7 -2.44 22.85 5.39
N ALA C 8 -2.77 21.88 6.24
CA ALA C 8 -1.95 21.49 7.36
C ALA C 8 -0.71 20.77 6.83
N PRO C 9 0.41 20.93 7.52
CA PRO C 9 1.62 20.24 7.06
C PRO C 9 1.60 18.74 7.27
N TYR C 10 2.41 18.02 6.48
CA TYR C 10 2.69 16.61 6.74
C TYR C 10 3.91 16.56 7.65
N LEU C 11 3.73 16.03 8.86
CA LEU C 11 4.80 15.96 9.83
C LEU C 11 5.36 14.55 9.89
N SER C 12 6.68 14.45 9.82
CA SER C 12 7.45 13.19 9.79
C SER C 12 6.83 12.13 8.88
N PRO C 13 6.53 12.50 7.63
CA PRO C 13 5.96 11.50 6.71
C PRO C 13 6.98 10.45 6.34
N ALA C 14 6.59 9.18 6.29
CA ALA C 14 7.56 8.13 5.97
C ALA C 14 7.86 8.19 4.47
N VAL C 15 9.10 7.88 4.12
CA VAL C 15 9.56 7.79 2.73
C VAL C 15 9.59 6.31 2.33
N PRO C 16 9.09 5.96 1.14
CA PRO C 16 8.50 6.84 0.10
C PRO C 16 7.14 7.41 0.52
N PHE C 17 6.90 8.67 0.17
CA PHE C 17 5.71 9.44 0.59
C PHE C 17 5.00 9.72 -0.71
N SER C 18 3.67 9.56 -0.80
CA SER C 18 2.80 10.53 -1.43
C SER C 18 1.66 11.14 -0.66
N GLY C 19 1.35 12.39 -1.01
CA GLY C 19 0.38 13.19 -0.28
C GLY C 19 -0.34 14.14 -1.19
N THR C 20 -1.65 14.28 -0.97
CA THR C 20 -2.44 15.22 -1.73
C THR C 20 -2.02 16.65 -1.44
N ILE C 21 -2.09 17.51 -2.45
CA ILE C 21 -1.99 18.95 -2.27
C ILE C 21 -3.42 19.47 -2.44
N GLN C 22 -4.02 19.89 -1.34
CA GLN C 22 -5.39 20.39 -1.33
C GLN C 22 -5.53 21.62 -2.21
N GLY C 23 -6.45 21.53 -3.19
CA GLY C 23 -6.66 22.60 -4.16
C GLY C 23 -5.70 22.57 -5.36
N GLY C 24 -4.73 21.66 -5.33
CA GLY C 24 -3.75 21.56 -6.42
C GLY C 24 -2.74 22.70 -6.36
N LEU C 25 -1.77 22.70 -7.27
CA LEU C 25 -0.85 23.81 -7.32
C LEU C 25 -1.59 25.05 -7.78
N GLN C 26 -1.21 26.18 -7.20
CA GLN C 26 -1.78 27.49 -7.52
C GLN C 26 -0.62 28.45 -7.70
N ASP C 27 -0.81 29.47 -8.57
CA ASP C 27 0.20 30.49 -8.76
C ASP C 27 0.50 31.16 -7.42
N GLY C 28 1.77 31.14 -7.03
CA GLY C 28 2.21 31.77 -5.79
C GLY C 28 2.36 30.83 -4.59
N LEU C 29 1.88 29.61 -4.73
CA LEU C 29 1.97 28.58 -3.66
C LEU C 29 3.43 28.24 -3.39
N GLN C 30 3.78 28.10 -2.13
CA GLN C 30 5.12 27.74 -1.72
C GLN C 30 5.08 26.45 -0.91
N ILE C 31 5.82 25.45 -1.39
CA ILE C 31 5.85 24.15 -0.76
C ILE C 31 7.25 23.93 -0.20
N THR C 32 7.33 23.77 1.12
CA THR C 32 8.61 23.50 1.81
C THR C 32 8.77 22.01 2.07
N VAL C 33 9.95 21.48 1.75
CA VAL C 33 10.30 20.10 2.08
C VAL C 33 11.56 20.19 2.95
N ASN C 34 11.44 19.78 4.22
CA ASN C 34 12.50 19.91 5.21
C ASN C 34 12.84 18.52 5.69
N GLY C 35 14.12 18.17 5.67
CA GLY C 35 14.51 16.83 6.06
C GLY C 35 16.00 16.66 6.19
N THR C 36 16.46 15.43 6.03
CA THR C 36 17.89 15.16 6.09
C THR C 36 18.22 14.23 4.93
N VAL C 37 19.31 14.52 4.21
CA VAL C 37 19.79 13.56 3.21
C VAL C 37 20.51 12.46 3.97
N LEU C 38 20.10 11.21 3.79
CA LEU C 38 20.76 10.12 4.53
C LEU C 38 22.21 9.93 4.06
N SER C 39 23.08 9.44 4.95
CA SER C 39 24.50 9.36 4.62
C SER C 39 24.82 8.08 3.86
N SER C 40 24.03 7.03 4.06
CA SER C 40 24.38 5.72 3.47
C SER C 40 23.15 4.88 3.17
N SER C 41 22.14 5.51 2.55
CA SER C 41 20.89 4.86 2.18
C SER C 41 20.62 5.12 0.69
N GLY C 42 21.62 4.88 -0.14
CA GLY C 42 21.46 5.11 -1.57
C GLY C 42 22.11 6.41 -2.03
N THR C 43 21.99 6.69 -3.32
CA THR C 43 22.75 7.76 -3.92
C THR C 43 21.87 8.78 -4.64
N ARG C 44 20.56 8.74 -4.41
CA ARG C 44 19.70 9.75 -5.04
C ARG C 44 18.40 9.89 -4.26
N PHE C 45 17.80 11.07 -4.40
CA PHE C 45 16.42 11.25 -3.92
C PHE C 45 15.61 12.07 -4.89
N ALA C 46 14.28 12.08 -4.73
CA ALA C 46 13.47 12.88 -5.67
C ALA C 46 12.29 13.49 -4.93
N VAL C 47 11.97 14.72 -5.33
CA VAL C 47 10.68 15.34 -4.99
C VAL C 47 9.92 15.50 -6.30
N ASN C 48 8.68 14.96 -6.33
CA ASN C 48 7.85 14.96 -7.54
C ASN C 48 6.54 15.70 -7.31
N PHE C 49 6.22 16.62 -8.22
CA PHE C 49 4.92 17.24 -8.26
C PHE C 49 4.16 16.58 -9.39
N GLN C 50 3.11 15.86 -9.04
CA GLN C 50 2.55 14.88 -9.97
C GLN C 50 1.04 14.82 -9.92
N THR C 51 0.49 14.02 -10.84
CA THR C 51 -0.96 13.82 -10.90
C THR C 51 -1.25 12.41 -10.37
N GLY C 52 -1.91 12.35 -9.21
CA GLY C 52 -2.21 11.05 -8.56
C GLY C 52 -0.98 10.35 -7.99
N PHE C 53 -1.16 9.16 -7.44
CA PHE C 53 -0.09 8.49 -6.69
C PHE C 53 0.79 7.55 -7.52
N SER C 54 0.48 7.38 -8.81
CA SER C 54 1.15 6.36 -9.62
C SER C 54 2.58 6.68 -10.05
N GLY C 55 2.83 7.94 -10.41
CA GLY C 55 4.14 8.38 -10.91
C GLY C 55 4.33 8.32 -12.41
N ASN C 56 3.27 8.00 -13.15
CA ASN C 56 3.35 8.02 -14.62
C ASN C 56 3.21 9.41 -15.21
N ASP C 57 2.67 10.33 -14.41
CA ASP C 57 2.50 11.70 -14.86
C ASP C 57 3.06 12.62 -13.77
N ILE C 58 4.27 13.11 -14.01
CA ILE C 58 4.96 13.95 -13.03
C ILE C 58 5.27 15.26 -13.74
N ALA C 59 4.63 16.36 -13.33
CA ALA C 59 4.85 17.68 -13.97
C ALA C 59 6.27 18.19 -13.74
N PHE C 60 6.79 17.88 -12.55
CA PHE C 60 8.15 18.34 -12.18
C PHE C 60 8.77 17.34 -11.24
N HIS C 61 9.86 16.71 -11.72
CA HIS C 61 10.65 15.74 -11.00
C HIS C 61 11.97 16.44 -10.69
N PHE C 62 12.31 16.53 -9.40
CA PHE C 62 13.52 17.24 -8.96
C PHE C 62 14.36 16.20 -8.26
N ASN C 63 15.52 15.89 -8.84
CA ASN C 63 16.22 14.62 -8.54
C ASN C 63 17.73 14.75 -8.32
N PRO C 64 18.14 15.11 -7.09
CA PRO C 64 19.58 15.11 -6.75
C PRO C 64 20.20 13.72 -6.78
N ARG C 65 21.34 13.60 -7.44
CA ARG C 65 22.05 12.32 -7.57
C ARG C 65 23.48 12.54 -7.10
N PHE C 66 23.87 11.79 -6.06
CA PHE C 66 25.22 11.85 -5.49
C PHE C 66 26.02 10.81 -6.25
N GLU C 67 26.12 11.04 -7.56
CA GLU C 67 26.66 10.09 -8.51
C GLU C 67 27.46 10.84 -9.56
N ASP C 68 28.45 10.17 -10.16
CA ASP C 68 29.15 10.68 -11.33
C ASP C 68 29.56 12.14 -11.16
N GLY C 69 29.97 12.48 -9.95
CA GLY C 69 30.40 13.83 -9.65
C GLY C 69 29.42 14.69 -8.88
N GLY C 70 28.14 14.29 -8.87
CA GLY C 70 27.11 15.02 -8.12
C GLY C 70 26.42 15.98 -9.07
N TYR C 71 25.10 15.81 -9.23
CA TYR C 71 24.32 16.64 -10.10
C TYR C 71 22.83 16.47 -9.79
N VAL C 72 22.00 17.36 -10.33
CA VAL C 72 20.56 17.33 -10.09
C VAL C 72 19.85 17.24 -11.44
N VAL C 73 18.95 16.25 -11.55
CA VAL C 73 18.13 16.09 -12.74
C VAL C 73 16.77 16.74 -12.50
N CYS C 74 16.35 17.58 -13.45
CA CYS C 74 14.98 18.08 -13.50
C CYS C 74 14.30 17.56 -14.76
N ASN C 75 13.09 17.02 -14.63
CA ASN C 75 12.40 16.48 -15.82
C ASN C 75 10.88 16.44 -15.61
N THR C 76 10.17 16.01 -16.64
CA THR C 76 8.70 15.87 -16.64
C THR C 76 8.41 14.50 -17.23
N ARG C 77 7.44 13.79 -16.65
CA ARG C 77 7.03 12.50 -17.22
C ARG C 77 5.55 12.67 -17.63
N GLN C 78 5.25 12.32 -18.88
CA GLN C 78 3.86 12.43 -19.35
C GLN C 78 3.45 11.14 -19.98
N ASN C 79 2.39 10.56 -19.42
CA ASN C 79 1.84 9.29 -19.88
C ASN C 79 2.93 8.22 -19.94
N GLY C 80 3.77 8.18 -18.90
CA GLY C 80 4.86 7.21 -18.79
C GLY C 80 6.15 7.58 -19.50
N SER C 81 6.13 8.66 -20.27
CA SER C 81 7.31 9.04 -21.07
C SER C 81 8.10 10.19 -20.40
N TRP C 82 9.36 9.93 -20.07
CA TRP C 82 10.23 11.01 -19.62
C TRP C 82 10.62 11.90 -20.79
N GLY C 83 10.69 13.20 -20.53
CA GLY C 83 11.16 14.18 -21.50
C GLY C 83 12.68 14.34 -21.46
N PRO C 84 13.20 15.37 -22.15
CA PRO C 84 14.62 15.73 -22.15
C PRO C 84 14.99 16.23 -20.75
N GLU C 85 16.06 15.68 -20.16
CA GLU C 85 16.51 16.08 -18.81
C GLU C 85 17.19 17.44 -18.84
N GLU C 86 16.90 18.27 -17.82
CA GLU C 86 17.67 19.48 -17.57
C GLU C 86 18.58 19.19 -16.41
N ARG C 87 19.88 19.03 -16.67
CA ARG C 87 20.78 18.67 -15.57
C ARG C 87 21.52 19.91 -15.08
N LYS C 88 21.53 20.07 -13.77
CA LYS C 88 22.32 21.10 -13.11
C LYS C 88 23.52 20.38 -12.52
N THR C 89 24.71 20.74 -12.99
CA THR C 89 25.86 19.92 -12.65
C THR C 89 26.53 20.48 -11.41
N HIS C 90 25.73 21.05 -10.51
CA HIS C 90 26.12 21.56 -9.18
C HIS C 90 25.29 20.89 -8.11
N MET C 91 25.93 20.42 -7.05
CA MET C 91 25.27 19.66 -5.99
C MET C 91 25.17 20.54 -4.74
N PRO C 92 23.97 21.04 -4.44
CA PRO C 92 23.77 21.92 -3.30
C PRO C 92 23.42 21.21 -1.97
N PHE C 93 23.46 19.88 -1.99
CA PHE C 93 23.18 19.06 -0.81
C PHE C 93 24.44 18.33 -0.37
N GLN C 94 24.48 17.93 0.88
CA GLN C 94 25.55 17.06 1.40
C GLN C 94 24.89 15.85 2.00
N LYS C 95 25.38 14.64 1.70
CA LYS C 95 24.89 13.46 2.37
C LYS C 95 25.13 13.59 3.86
N GLY C 96 24.13 13.18 4.63
CA GLY C 96 24.24 13.15 6.08
C GLY C 96 23.73 14.43 6.70
N MET C 97 23.35 15.40 5.89
CA MET C 97 23.08 16.75 6.43
C MET C 97 21.63 17.18 6.27
N PRO C 98 21.15 18.03 7.19
CA PRO C 98 19.78 18.55 7.04
C PRO C 98 19.69 19.51 5.86
N PHE C 99 18.49 19.60 5.28
CA PHE C 99 18.26 20.49 4.16
C PHE C 99 16.89 21.15 4.26
N ASP C 100 16.77 22.31 3.64
CA ASP C 100 15.48 22.96 3.54
C ASP C 100 15.30 23.30 2.06
N LEU C 101 14.26 22.74 1.46
CA LEU C 101 13.99 22.91 0.03
C LEU C 101 12.67 23.67 -0.04
N CYS C 102 12.60 24.69 -0.89
CA CYS C 102 11.32 25.40 -1.03
C CYS C 102 11.03 25.52 -2.51
N PHE C 103 9.82 25.16 -2.92
CA PHE C 103 9.42 25.23 -4.31
C PHE C 103 8.38 26.30 -4.42
N LEU C 104 8.66 27.28 -5.28
CA LEU C 104 7.71 28.37 -5.50
C LEU C 104 7.05 28.18 -6.87
N VAL C 105 5.73 28.19 -6.91
CA VAL C 105 5.05 28.02 -8.17
C VAL C 105 4.77 29.41 -8.74
N GLN C 106 5.22 29.63 -9.96
CA GLN C 106 4.86 30.88 -10.70
C GLN C 106 4.12 30.53 -11.98
N SER C 107 3.55 31.55 -12.66
CA SER C 107 2.83 31.30 -13.91
C SER C 107 3.62 30.51 -14.93
N SER C 108 4.91 30.81 -15.08
CA SER C 108 5.71 30.22 -16.16
C SER C 108 6.68 29.12 -15.72
N ASP C 109 6.97 29.08 -14.43
CA ASP C 109 8.01 28.17 -13.92
C ASP C 109 7.87 27.84 -12.45
N PHE C 110 8.61 26.80 -12.05
CA PHE C 110 8.92 26.58 -10.64
C PHE C 110 10.27 27.21 -10.36
N LYS C 111 10.37 27.86 -9.21
CA LYS C 111 11.66 28.27 -8.70
C LYS C 111 11.96 27.40 -7.51
N VAL C 112 13.19 26.90 -7.44
CA VAL C 112 13.63 26.03 -6.34
C VAL C 112 14.74 26.71 -5.53
N MET C 113 14.45 26.93 -4.24
CA MET C 113 15.42 27.43 -3.26
C MET C 113 15.95 26.27 -2.39
N VAL C 114 17.26 26.23 -2.17
CA VAL C 114 17.88 25.22 -1.31
C VAL C 114 18.56 25.98 -0.21
N ASN C 115 18.14 25.71 1.03
CA ASN C 115 18.68 26.32 2.24
C ASN C 115 18.70 27.83 2.08
N GLY C 116 17.55 28.39 1.70
CA GLY C 116 17.39 29.83 1.65
C GLY C 116 17.49 30.48 0.29
N ILE C 117 18.24 29.85 -0.62
CA ILE C 117 18.78 30.49 -1.81
C ILE C 117 18.39 29.82 -3.12
N LEU C 118 18.01 30.64 -4.09
CA LEU C 118 17.58 30.14 -5.41
C LEU C 118 18.64 29.25 -6.04
N PHE C 119 18.24 28.03 -6.38
CA PHE C 119 19.12 27.03 -6.96
C PHE C 119 18.87 26.88 -8.46
N VAL C 120 17.62 26.63 -8.84
CA VAL C 120 17.29 26.41 -10.24
C VAL C 120 15.87 26.89 -10.51
N GLN C 121 15.56 27.16 -11.77
CA GLN C 121 14.17 27.36 -12.18
C GLN C 121 13.87 26.30 -13.22
N TYR C 122 12.60 25.89 -13.26
CA TYR C 122 12.16 24.88 -14.20
C TYR C 122 10.89 25.37 -14.90
N PHE C 123 10.98 25.66 -16.19
CA PHE C 123 9.77 26.08 -16.94
C PHE C 123 8.72 24.96 -17.08
N HIS C 124 7.45 25.30 -16.82
CA HIS C 124 6.36 24.33 -16.91
C HIS C 124 6.30 23.77 -18.31
N ARG C 125 6.21 22.45 -18.38
CA ARG C 125 6.00 21.71 -19.61
C ARG C 125 4.54 21.21 -19.69
N VAL C 126 3.89 21.11 -18.54
CA VAL C 126 2.43 20.87 -18.47
C VAL C 126 1.78 21.91 -17.56
N PRO C 127 0.47 22.18 -17.74
CA PRO C 127 -0.19 23.14 -16.86
C PRO C 127 0.00 22.74 -15.40
N PHE C 128 0.42 23.67 -14.56
CA PHE C 128 0.69 23.31 -13.15
C PHE C 128 -0.61 22.92 -12.38
N HIS C 129 -1.77 23.34 -12.89
CA HIS C 129 -3.06 22.89 -12.32
C HIS C 129 -3.32 21.37 -12.45
N ARG C 130 -2.55 20.70 -13.31
CA ARG C 130 -2.56 19.24 -13.39
C ARG C 130 -2.03 18.59 -12.08
N VAL C 131 -1.26 19.33 -11.30
CA VAL C 131 -0.61 18.70 -10.13
C VAL C 131 -1.54 18.64 -8.92
N ASP C 132 -1.73 17.44 -8.38
CA ASP C 132 -2.53 17.31 -7.17
C ASP C 132 -1.84 16.56 -6.05
N THR C 133 -0.57 16.19 -6.26
CA THR C 133 0.12 15.32 -5.34
C THR C 133 1.60 15.73 -5.25
N ILE C 134 2.14 15.68 -4.03
CA ILE C 134 3.61 15.70 -3.87
C ILE C 134 4.09 14.32 -3.42
N SER C 135 5.13 13.81 -4.07
CA SER C 135 5.73 12.57 -3.64
C SER C 135 7.23 12.76 -3.41
N VAL C 136 7.78 11.96 -2.52
CA VAL C 136 9.21 12.03 -2.21
C VAL C 136 9.69 10.60 -2.08
N ASN C 137 10.78 10.27 -2.76
CA ASN C 137 11.37 8.95 -2.62
C ASN C 137 12.88 8.97 -2.54
N GLY C 138 13.49 7.86 -2.12
CA GLY C 138 14.96 7.73 -2.16
C GLY C 138 15.67 8.01 -0.84
N SER C 139 16.90 8.52 -0.97
CA SER C 139 17.84 8.60 0.13
C SER C 139 17.64 9.80 1.06
N VAL C 140 16.41 9.95 1.55
CA VAL C 140 16.13 11.05 2.50
C VAL C 140 15.21 10.58 3.60
N GLN C 141 15.22 11.34 4.69
CA GLN C 141 14.23 11.22 5.74
C GLN C 141 13.56 12.60 5.82
N LEU C 142 12.27 12.62 6.08
CA LEU C 142 11.53 13.88 6.07
C LEU C 142 11.12 14.31 7.45
N SER C 143 11.31 15.60 7.73
CA SER C 143 10.78 16.21 8.95
C SER C 143 9.42 16.81 8.67
N TYR C 144 9.30 17.64 7.65
CA TYR C 144 7.97 18.14 7.31
C TYR C 144 7.86 18.60 5.86
N ILE C 145 6.63 18.60 5.36
CA ILE C 145 6.27 19.20 4.10
C ILE C 145 5.13 20.17 4.43
N SER C 146 5.36 21.44 4.11
CA SER C 146 4.38 22.46 4.43
C SER C 146 3.96 23.30 3.23
N PHE C 147 2.84 23.99 3.37
CA PHE C 147 2.29 24.74 2.24
C PHE C 147 1.97 26.14 2.68
N GLN C 148 2.42 27.08 1.86
CA GLN C 148 2.19 28.53 1.93
C GLN C 148 2.88 29.26 3.07
N GLN D 7 7.07 -5.48 -0.42
CA GLN D 7 8.02 -4.36 -0.62
C GLN D 7 8.95 -4.66 -1.80
N ALA D 8 9.13 -3.67 -2.68
CA ALA D 8 10.04 -3.78 -3.82
C ALA D 8 11.45 -3.97 -3.28
N PRO D 9 12.29 -4.75 -4.00
CA PRO D 9 13.65 -4.97 -3.53
C PRO D 9 14.54 -3.76 -3.76
N TYR D 10 15.65 -3.73 -3.05
CA TYR D 10 16.65 -2.70 -3.26
C TYR D 10 17.61 -3.32 -4.22
N LEU D 11 17.65 -2.79 -5.45
CA LEU D 11 18.55 -3.30 -6.49
C LEU D 11 19.88 -2.56 -6.52
N SER D 12 20.97 -3.33 -6.55
CA SER D 12 22.34 -2.79 -6.60
C SER D 12 22.59 -1.63 -5.62
N PRO D 13 22.26 -1.83 -4.34
CA PRO D 13 22.55 -0.76 -3.39
C PRO D 13 24.06 -0.64 -3.15
N ALA D 14 24.58 0.59 -3.07
CA ALA D 14 25.99 0.80 -2.74
C ALA D 14 26.22 0.54 -1.24
N VAL D 15 27.36 -0.07 -0.92
CA VAL D 15 27.72 -0.38 0.46
C VAL D 15 28.67 0.71 0.99
N PRO D 16 28.49 1.17 2.24
CA PRO D 16 27.50 0.71 3.23
C PRO D 16 26.09 1.19 2.88
N PHE D 17 25.08 0.34 3.13
CA PHE D 17 23.67 0.61 2.80
C PHE D 17 22.93 0.39 4.12
N SER D 18 22.17 1.36 4.61
CA SER D 18 20.86 1.15 5.23
C SER D 18 19.55 1.39 4.55
N GLY D 19 18.65 0.40 4.68
CA GLY D 19 17.34 0.51 4.05
C GLY D 19 16.18 0.16 4.99
N THR D 20 15.09 0.90 4.85
CA THR D 20 13.90 0.62 5.63
C THR D 20 13.24 -0.71 5.27
N ILE D 21 12.80 -1.43 6.29
CA ILE D 21 11.94 -2.62 6.13
C ILE D 21 10.50 -2.18 6.38
N GLN D 22 9.72 -2.07 5.30
CA GLN D 22 8.37 -1.52 5.41
C GLN D 22 7.48 -2.47 6.22
N GLY D 23 6.89 -1.96 7.30
CA GLY D 23 6.09 -2.80 8.20
C GLY D 23 6.90 -3.48 9.31
N GLY D 24 8.23 -3.36 9.26
CA GLY D 24 9.07 -3.98 10.29
C GLY D 24 9.26 -5.48 10.09
N LEU D 25 10.14 -6.10 10.89
CA LEU D 25 10.22 -7.57 10.83
C LEU D 25 8.91 -8.17 11.32
N GLN D 26 8.52 -9.26 10.68
CA GLN D 26 7.32 -9.99 11.08
C GLN D 26 7.60 -11.48 10.97
N ASP D 27 6.91 -12.28 11.78
CA ASP D 27 7.09 -13.73 11.73
C ASP D 27 6.75 -14.24 10.33
N GLY D 28 7.66 -15.03 9.76
CA GLY D 28 7.51 -15.54 8.40
C GLY D 28 8.24 -14.73 7.33
N LEU D 29 8.69 -13.52 7.67
CA LEU D 29 9.35 -12.69 6.67
C LEU D 29 10.67 -13.31 6.26
N GLN D 30 10.95 -13.35 4.96
CA GLN D 30 12.21 -13.82 4.41
C GLN D 30 13.01 -12.64 3.82
N ILE D 31 14.23 -12.42 4.31
CA ILE D 31 15.03 -11.29 3.81
C ILE D 31 16.27 -11.85 3.12
N THR D 32 16.43 -11.54 1.83
CA THR D 32 17.55 -12.10 1.07
C THR D 32 18.53 -11.00 0.84
N VAL D 33 19.80 -11.28 1.10
CA VAL D 33 20.91 -10.39 0.80
C VAL D 33 21.77 -11.14 -0.21
N ASN D 34 21.85 -10.61 -1.42
CA ASN D 34 22.55 -11.30 -2.49
C ASN D 34 23.69 -10.41 -2.95
N GLY D 35 24.92 -10.90 -2.91
CA GLY D 35 26.08 -10.08 -3.25
C GLY D 35 27.32 -10.90 -3.52
N THR D 36 28.46 -10.23 -3.43
CA THR D 36 29.78 -10.82 -3.67
C THR D 36 30.73 -10.28 -2.60
N VAL D 37 31.47 -11.19 -1.98
CA VAL D 37 32.53 -10.76 -1.05
C VAL D 37 33.71 -10.17 -1.87
N LEU D 38 34.16 -8.98 -1.50
CA LEU D 38 35.27 -8.31 -2.19
C LEU D 38 36.57 -9.11 -2.04
N SER D 39 37.38 -9.16 -3.09
CA SER D 39 38.53 -10.03 -3.07
C SER D 39 39.70 -9.39 -2.34
N SER D 40 39.79 -8.05 -2.35
CA SER D 40 40.98 -7.36 -1.83
C SER D 40 40.69 -6.07 -1.04
N SER D 41 39.69 -6.12 -0.17
CA SER D 41 39.25 -4.91 0.54
C SER D 41 38.88 -5.13 2.00
N GLY D 42 39.62 -6.01 2.70
CA GLY D 42 39.36 -6.23 4.13
C GLY D 42 38.88 -7.63 4.42
N THR D 43 38.55 -7.87 5.69
CA THR D 43 38.33 -9.24 6.17
C THR D 43 36.97 -9.44 6.85
N ARG D 44 36.15 -8.39 6.89
CA ARG D 44 34.85 -8.49 7.57
C ARG D 44 33.75 -7.87 6.73
N PHE D 45 32.54 -8.44 6.79
CA PHE D 45 31.34 -7.70 6.44
C PHE D 45 30.23 -7.98 7.45
N ALA D 46 29.17 -7.19 7.44
CA ALA D 46 28.09 -7.40 8.40
C ALA D 46 26.73 -7.10 7.79
N VAL D 47 25.72 -7.85 8.23
CA VAL D 47 24.32 -7.56 7.98
C VAL D 47 23.70 -7.29 9.34
N ASN D 48 23.01 -6.15 9.47
CA ASN D 48 22.44 -5.74 10.76
C ASN D 48 20.95 -5.52 10.62
N PHE D 49 20.19 -6.13 11.52
CA PHE D 49 18.74 -5.88 11.63
C PHE D 49 18.63 -4.98 12.83
N GLN D 50 18.24 -3.73 12.58
CA GLN D 50 18.30 -2.74 13.63
C GLN D 50 17.09 -1.82 13.68
N THR D 51 17.02 -1.06 14.77
CA THR D 51 15.96 -0.08 14.98
C THR D 51 16.54 1.29 14.65
N GLY D 52 16.00 1.89 13.60
CA GLY D 52 16.47 3.20 13.08
C GLY D 52 17.87 3.18 12.48
N PHE D 53 18.45 4.35 12.31
CA PHE D 53 19.74 4.51 11.61
C PHE D 53 20.98 4.66 12.52
N SER D 54 20.80 4.77 13.83
CA SER D 54 21.91 5.09 14.74
C SER D 54 22.99 4.01 14.84
N GLY D 55 22.59 2.75 14.70
CA GLY D 55 23.50 1.63 14.89
C GLY D 55 23.71 1.20 16.33
N ASN D 56 23.06 1.87 17.28
CA ASN D 56 23.21 1.51 18.67
C ASN D 56 22.23 0.43 19.16
N ASP D 57 21.17 0.19 18.39
CA ASP D 57 20.19 -0.86 18.71
C ASP D 57 20.03 -1.81 17.55
N ILE D 58 20.79 -2.89 17.61
CA ILE D 58 20.82 -3.87 16.53
C ILE D 58 20.35 -5.16 17.15
N ALA D 59 19.16 -5.60 16.75
CA ALA D 59 18.56 -6.85 17.21
C ALA D 59 19.44 -8.03 16.81
N PHE D 60 19.99 -8.00 15.61
CA PHE D 60 20.79 -9.15 15.12
C PHE D 60 21.87 -8.61 14.21
N HIS D 61 23.11 -8.75 14.66
CA HIS D 61 24.31 -8.46 13.89
C HIS D 61 24.88 -9.79 13.41
N PHE D 62 25.04 -9.93 12.10
CA PHE D 62 25.58 -11.16 11.49
C PHE D 62 26.87 -10.78 10.79
N ASN D 63 28.01 -11.27 11.27
CA ASN D 63 29.31 -10.68 10.97
C ASN D 63 30.39 -11.72 10.62
N PRO D 64 30.46 -12.12 9.34
CA PRO D 64 31.57 -12.99 8.88
C PRO D 64 32.94 -12.30 9.00
N ARG D 65 33.94 -13.06 9.47
CA ARG D 65 35.30 -12.55 9.65
C ARG D 65 36.30 -13.54 9.08
N PHE D 66 37.03 -13.08 8.06
CA PHE D 66 38.08 -13.90 7.39
C PHE D 66 39.36 -13.73 8.19
N GLU D 67 39.28 -14.15 9.45
CA GLU D 67 40.37 -13.99 10.42
C GLU D 67 40.43 -15.25 11.25
N ASP D 68 41.63 -15.58 11.70
CA ASP D 68 41.81 -16.73 12.61
C ASP D 68 41.21 -18.03 12.06
N GLY D 69 41.38 -18.25 10.76
CA GLY D 69 40.86 -19.45 10.10
C GLY D 69 39.45 -19.31 9.56
N GLY D 70 38.80 -18.17 9.86
CA GLY D 70 37.46 -17.91 9.35
C GLY D 70 36.37 -18.29 10.33
N TYR D 71 35.55 -17.31 10.70
CA TYR D 71 34.40 -17.59 11.57
C TYR D 71 33.32 -16.52 11.40
N VAL D 72 32.16 -16.73 12.01
CA VAL D 72 31.04 -15.78 11.90
C VAL D 72 30.57 -15.44 13.30
N VAL D 73 30.41 -14.15 13.55
CA VAL D 73 29.93 -13.64 14.85
C VAL D 73 28.45 -13.27 14.71
N CYS D 74 27.66 -13.65 15.70
CA CYS D 74 26.25 -13.19 15.82
C CYS D 74 26.06 -12.55 17.16
N ASN D 75 25.40 -11.37 17.19
CA ASN D 75 25.28 -10.63 18.44
C ASN D 75 24.14 -9.63 18.34
N THR D 76 23.86 -8.97 19.45
CA THR D 76 22.80 -7.97 19.56
C THR D 76 23.46 -6.78 20.25
N ARG D 77 23.14 -5.57 19.78
CA ARG D 77 23.60 -4.34 20.41
C ARG D 77 22.36 -3.62 20.93
N GLN D 78 22.40 -3.20 22.19
CA GLN D 78 21.29 -2.52 22.87
C GLN D 78 21.90 -1.28 23.55
N ASN D 79 21.36 -0.11 23.23
CA ASN D 79 21.81 1.12 23.87
C ASN D 79 23.32 1.31 23.71
N GLY D 80 23.83 0.87 22.57
CA GLY D 80 25.24 1.02 22.23
C GLY D 80 26.14 -0.09 22.72
N SER D 81 25.60 -0.99 23.54
CA SER D 81 26.38 -2.03 24.17
C SER D 81 26.21 -3.40 23.48
N TRP D 82 27.33 -4.04 23.14
CA TRP D 82 27.33 -5.41 22.57
C TRP D 82 27.08 -6.48 23.62
N GLY D 83 26.24 -7.46 23.32
CA GLY D 83 25.94 -8.55 24.22
C GLY D 83 26.98 -9.65 24.13
N PRO D 84 26.67 -10.82 24.70
CA PRO D 84 27.60 -11.96 24.59
C PRO D 84 27.54 -12.57 23.18
N GLU D 85 28.65 -12.51 22.45
CA GLU D 85 28.74 -13.06 21.08
C GLU D 85 28.45 -14.53 20.98
N GLU D 86 27.84 -14.94 19.87
CA GLU D 86 27.78 -16.34 19.46
C GLU D 86 28.74 -16.43 18.27
N ARG D 87 29.49 -17.52 18.19
CA ARG D 87 30.42 -17.67 17.08
C ARG D 87 30.26 -19.06 16.46
N LYS D 88 30.44 -19.14 15.15
CA LYS D 88 30.52 -20.44 14.52
C LYS D 88 31.83 -20.44 13.76
N THR D 89 32.67 -21.44 13.99
CA THR D 89 34.03 -21.41 13.45
C THR D 89 34.09 -22.07 12.09
N HIS D 90 33.07 -21.82 11.28
CA HIS D 90 33.09 -22.18 9.85
C HIS D 90 32.78 -20.90 9.05
N MET D 91 33.57 -20.64 8.01
CA MET D 91 33.36 -19.54 7.08
C MET D 91 32.71 -20.08 5.80
N PRO D 92 31.40 -19.85 5.62
CA PRO D 92 30.68 -20.40 4.47
C PRO D 92 30.76 -19.46 3.25
N PHE D 93 31.42 -18.31 3.40
CA PHE D 93 31.68 -17.36 2.31
C PHE D 93 33.12 -17.46 1.82
N GLN D 94 33.39 -16.87 0.66
CA GLN D 94 34.73 -16.89 0.09
C GLN D 94 35.04 -15.54 -0.53
N LYS D 95 36.22 -15.01 -0.29
CA LYS D 95 36.61 -13.74 -0.88
C LYS D 95 36.51 -13.83 -2.41
N GLY D 96 35.90 -12.81 -3.02
CA GLY D 96 35.73 -12.75 -4.47
C GLY D 96 34.54 -13.51 -5.03
N MET D 97 33.79 -14.23 -4.19
CA MET D 97 32.73 -15.10 -4.66
C MET D 97 31.34 -14.61 -4.27
N PRO D 98 30.36 -14.89 -5.13
CA PRO D 98 28.98 -14.50 -4.88
C PRO D 98 28.35 -15.37 -3.81
N PHE D 99 27.33 -14.83 -3.14
CA PHE D 99 26.61 -15.55 -2.11
C PHE D 99 25.15 -15.14 -2.12
N ASP D 100 24.30 -16.06 -1.65
CA ASP D 100 22.92 -15.76 -1.36
C ASP D 100 22.70 -16.02 0.11
N LEU D 101 22.34 -14.97 0.85
CA LEU D 101 22.16 -15.08 2.27
C LEU D 101 20.67 -14.83 2.54
N CYS D 102 19.99 -15.74 3.24
CA CYS D 102 18.56 -15.59 3.50
C CYS D 102 18.29 -15.68 4.97
N PHE D 103 17.63 -14.65 5.50
CA PHE D 103 17.26 -14.61 6.93
C PHE D 103 15.76 -14.86 7.02
N LEU D 104 15.41 -15.87 7.79
CA LEU D 104 14.00 -16.17 8.02
C LEU D 104 13.68 -15.77 9.45
N VAL D 105 12.66 -14.93 9.59
CA VAL D 105 12.19 -14.51 10.91
C VAL D 105 11.19 -15.57 11.39
N GLN D 106 11.50 -16.21 12.53
CA GLN D 106 10.58 -17.17 13.15
C GLN D 106 10.18 -16.65 14.55
N SER D 107 9.27 -17.36 15.24
CA SER D 107 8.68 -16.81 16.48
C SER D 107 9.72 -16.59 17.59
N SER D 108 10.67 -17.51 17.69
CA SER D 108 11.65 -17.49 18.78
C SER D 108 13.08 -17.22 18.31
N ASP D 109 13.34 -17.34 17.00
CA ASP D 109 14.70 -17.13 16.47
C ASP D 109 14.71 -16.66 15.02
N PHE D 110 15.89 -16.28 14.53
CA PHE D 110 16.15 -16.18 13.08
C PHE D 110 16.78 -17.48 12.62
N LYS D 111 16.42 -17.96 11.44
CA LYS D 111 17.20 -19.02 10.76
C LYS D 111 17.99 -18.32 9.67
N VAL D 112 19.26 -18.68 9.51
CA VAL D 112 20.09 -18.11 8.46
C VAL D 112 20.57 -19.20 7.51
N MET D 113 20.23 -19.02 6.24
CA MET D 113 20.69 -19.92 5.21
C MET D 113 21.71 -19.24 4.33
N VAL D 114 22.78 -19.95 3.98
CA VAL D 114 23.82 -19.42 3.10
C VAL D 114 23.88 -20.33 1.90
N ASN D 115 23.64 -19.75 0.72
CA ASN D 115 23.59 -20.49 -0.53
C ASN D 115 22.66 -21.69 -0.41
N GLY D 116 21.48 -21.48 0.19
CA GLY D 116 20.46 -22.52 0.33
C GLY D 116 20.61 -23.54 1.45
N ILE D 117 21.73 -23.49 2.17
CA ILE D 117 22.06 -24.42 3.25
C ILE D 117 21.90 -23.74 4.62
N LEU D 118 21.19 -24.39 5.54
CA LEU D 118 21.07 -23.87 6.90
C LEU D 118 22.44 -23.71 7.54
N PHE D 119 22.72 -22.50 8.03
CA PHE D 119 24.05 -22.19 8.55
C PHE D 119 23.98 -21.99 10.07
N VAL D 120 23.21 -21.01 10.52
CA VAL D 120 23.06 -20.79 11.96
C VAL D 120 21.63 -20.48 12.31
N GLN D 121 21.33 -20.49 13.61
CA GLN D 121 20.06 -19.97 14.12
C GLN D 121 20.46 -18.90 15.15
N TYR D 122 19.58 -17.94 15.41
CA TYR D 122 19.88 -16.95 16.42
C TYR D 122 18.60 -16.60 17.18
N PHE D 123 18.57 -16.92 18.47
CA PHE D 123 17.39 -16.63 19.31
C PHE D 123 17.21 -15.14 19.47
N HIS D 124 15.96 -14.69 19.36
CA HIS D 124 15.66 -13.28 19.56
C HIS D 124 16.00 -12.90 21.00
N ARG D 125 16.74 -11.81 21.12
CA ARG D 125 17.08 -11.23 22.43
C ARG D 125 16.26 -9.98 22.73
N VAL D 126 15.82 -9.32 21.66
CA VAL D 126 14.92 -8.15 21.76
C VAL D 126 13.74 -8.37 20.78
N PRO D 127 12.62 -7.65 20.98
CA PRO D 127 11.47 -7.92 20.10
C PRO D 127 11.71 -7.61 18.63
N PHE D 128 11.53 -8.59 17.76
CA PHE D 128 11.82 -8.36 16.34
C PHE D 128 10.91 -7.32 15.66
N HIS D 129 9.68 -7.15 16.15
CA HIS D 129 8.75 -6.27 15.46
C HIS D 129 9.17 -4.79 15.52
N ARG D 130 10.12 -4.48 16.42
CA ARG D 130 10.70 -3.15 16.55
C ARG D 130 11.89 -2.89 15.60
N VAL D 131 12.26 -3.90 14.82
CA VAL D 131 13.31 -3.74 13.80
C VAL D 131 12.65 -3.20 12.54
N ASP D 132 13.15 -2.06 12.07
CA ASP D 132 12.60 -1.42 10.89
C ASP D 132 13.66 -1.10 9.84
N THR D 133 14.89 -1.55 10.06
CA THR D 133 16.01 -1.18 9.19
C THR D 133 16.98 -2.36 8.99
N ILE D 134 17.44 -2.54 7.75
CA ILE D 134 18.55 -3.47 7.49
C ILE D 134 19.78 -2.70 6.99
N SER D 135 20.95 -2.98 7.57
CA SER D 135 22.18 -2.27 7.18
C SER D 135 23.24 -3.28 6.83
N VAL D 136 23.99 -3.01 5.78
CA VAL D 136 25.07 -3.89 5.34
C VAL D 136 26.30 -3.02 5.21
N ASN D 137 27.42 -3.49 5.75
CA ASN D 137 28.65 -2.73 5.66
C ASN D 137 29.83 -3.66 5.54
N GLY D 138 30.99 -3.09 5.20
CA GLY D 138 32.24 -3.84 5.11
C GLY D 138 32.58 -4.32 3.70
N SER D 139 33.28 -5.46 3.65
CA SER D 139 33.97 -5.96 2.44
C SER D 139 33.08 -6.77 1.53
N VAL D 140 32.01 -6.14 1.07
CA VAL D 140 31.02 -6.76 0.23
C VAL D 140 30.50 -5.74 -0.80
N GLN D 141 30.08 -6.23 -1.95
CA GLN D 141 29.20 -5.43 -2.82
C GLN D 141 27.90 -6.18 -2.96
N LEU D 142 26.83 -5.45 -3.27
CA LEU D 142 25.50 -6.04 -3.25
C LEU D 142 24.83 -6.00 -4.58
N SER D 143 24.15 -7.12 -4.90
CA SER D 143 23.29 -7.18 -6.06
C SER D 143 21.88 -6.80 -5.69
N TYR D 144 21.34 -7.36 -4.62
CA TYR D 144 20.02 -6.92 -4.18
C TYR D 144 19.75 -7.27 -2.73
N ILE D 145 18.79 -6.58 -2.14
CA ILE D 145 18.17 -6.99 -0.86
C ILE D 145 16.65 -7.11 -1.11
N SER D 146 16.05 -8.23 -0.75
CA SER D 146 14.62 -8.47 -1.02
C SER D 146 13.88 -8.93 0.22
N PHE D 147 12.57 -8.72 0.21
CA PHE D 147 11.71 -9.05 1.35
C PHE D 147 10.48 -9.78 0.83
N GLN D 148 10.16 -10.93 1.38
CA GLN D 148 8.91 -11.55 1.02
C GLN D 148 8.28 -12.30 2.17
C1 NAG E . -14.62 -0.60 -21.87
C2 NAG E . -14.51 0.78 -21.22
C3 NAG E . -14.91 0.61 -19.75
C4 NAG E . -16.34 0.03 -19.66
C5 NAG E . -16.42 -1.24 -20.54
C6 NAG E . -17.78 -1.97 -20.54
C7 NAG E . -12.81 2.09 -22.38
C8 NAG E . -11.33 2.16 -22.66
N2 NAG E . -13.18 1.34 -21.35
O1 NAG E . -14.23 -0.57 -23.22
O3 NAG E . -14.80 1.88 -19.08
O4 NAG E . -16.64 -0.22 -18.38
O5 NAG E . -16.01 -0.90 -21.85
O6 NAG E . -18.82 -1.07 -20.91
O7 NAG E . -13.61 2.72 -23.09
C1 GAL E . -17.93 0.22 -18.02
C2 GAL E . -18.29 -0.42 -16.67
C3 GAL E . -19.66 0.10 -16.16
C4 GAL E . -19.61 1.63 -16.22
C5 GAL E . -19.21 2.13 -17.62
C6 GAL E . -19.19 3.66 -17.72
O2 GAL E . -18.31 -1.82 -16.85
O3 GAL E . -19.76 -0.37 -14.90
O4 GAL E . -18.68 2.12 -15.27
O5 GAL E . -17.94 1.62 -17.95
O6 GAL E . -18.85 4.00 -19.05
C1 NAG E . -21.05 -0.81 -14.53
C2 NAG E . -20.96 -1.86 -13.43
C3 NAG E . -22.37 -2.34 -13.05
C4 NAG E . -23.24 -1.15 -12.62
C5 NAG E . -23.12 0.01 -13.63
C6 NAG E . -23.74 1.29 -13.09
C7 NAG E . -18.75 -2.94 -13.50
C8 NAG E . -17.95 -4.08 -14.07
N2 NAG E . -20.06 -2.94 -13.80
O3 NAG E . -22.29 -3.29 -11.99
O4 NAG E . -24.58 -1.58 -12.66
O5 NAG E . -21.77 0.29 -13.97
O6 NAG E . -23.05 1.65 -11.90
O7 NAG E . -18.18 -2.07 -12.83
C1 GAL E . -25.23 -1.50 -11.39
C2 GAL E . -26.74 -1.53 -11.70
C3 GAL E . -27.55 -1.72 -10.42
C4 GAL E . -26.94 -2.82 -9.55
C5 GAL E . -25.48 -2.52 -9.28
C6 GAL E . -24.89 -3.54 -8.32
O2 GAL E . -27.14 -0.34 -12.39
O3 GAL E . -28.90 -2.02 -10.76
O4 GAL E . -26.99 -4.05 -10.25
O5 GAL E . -24.77 -2.52 -10.51
O6 GAL E . -23.57 -3.12 -8.04
C1 NAG F . 3.37 -16.78 18.59
C2 NAG F . 2.72 -17.79 17.64
C3 NAG F . 2.33 -17.11 16.33
C4 NAG F . 1.46 -15.88 16.60
C5 NAG F . 2.16 -14.98 17.65
C6 NAG F . 1.40 -13.68 17.93
C7 NAG F . 3.62 -19.96 18.24
C8 NAG F . 4.74 -20.94 18.03
N2 NAG F . 3.60 -18.92 17.42
O1 NAG F . 3.62 -17.47 19.80
O3 NAG F . 1.69 -18.04 15.46
O4 NAG F . 1.35 -15.18 15.44
O5 NAG F . 2.45 -15.73 18.84
O6 NAG F . 0.10 -13.96 18.41
O7 NAG F . 2.77 -20.15 19.11
C1 GAL F . 0.07 -14.75 14.99
C2 GAL F . 0.15 -13.91 13.73
C3 GAL F . -1.24 -13.52 13.20
C4 GAL F . -2.14 -14.75 13.14
C5 GAL F . -2.09 -15.46 14.48
C6 GAL F . -2.99 -16.65 14.52
O2 GAL F . 0.86 -12.73 14.04
O3 GAL F . -1.08 -12.91 12.00
O4 GAL F . -1.69 -15.59 12.07
O5 GAL F . -0.76 -15.86 14.76
O6 GAL F . -2.89 -17.28 15.78
C1 NAG F . -1.83 -11.73 11.75
C2 NAG F . -1.10 -10.93 10.68
C3 NAG F . -1.86 -9.61 10.43
C4 NAG F . -3.33 -9.85 10.08
C5 NAG F . -3.98 -10.88 11.02
C6 NAG F . -5.33 -11.35 10.46
C7 NAG F . 1.34 -11.35 10.74
C8 NAG F . 2.65 -10.92 11.33
N2 NAG F . 0.25 -10.68 11.15
O3 NAG F . -1.18 -8.87 9.44
O4 NAG F . -4.08 -8.64 10.22
O5 NAG F . -3.13 -12.00 11.24
O6 NAG F . -5.12 -11.86 9.15
O7 NAG F . 1.33 -12.27 9.93
C1 GAL F . -4.70 -8.24 8.99
C2 GAL F . -5.82 -7.22 9.35
C3 GAL F . -6.33 -6.46 8.12
C4 GAL F . -5.18 -6.00 7.23
C5 GAL F . -4.27 -7.18 6.89
C6 GAL F . -3.13 -6.75 5.97
O2 GAL F . -6.93 -7.87 9.94
O3 GAL F . -7.13 -5.38 8.56
O4 GAL F . -4.40 -5.06 7.93
O5 GAL F . -3.72 -7.74 8.09
O6 GAL F . -2.78 -7.82 5.12
C1 NAG G . 19.08 7.08 -18.74
C2 NAG G . 19.19 8.56 -18.35
C3 NAG G . 18.75 8.51 -16.87
C4 NAG G . 17.31 7.95 -16.76
C5 NAG G . 17.18 6.62 -17.55
C6 NAG G . 15.75 6.04 -17.60
C7 NAG G . 20.93 9.71 -19.71
C8 NAG G . 22.29 10.30 -19.79
N2 NAG G . 20.54 9.12 -18.55
O1 NAG G . 19.82 6.78 -19.87
O3 NAG G . 18.89 9.79 -16.28
O4 NAG G . 16.99 7.60 -15.51
O5 NAG G . 17.69 6.80 -18.86
O6 NAG G . 14.86 7.04 -18.06
O7 NAG G . 20.21 9.78 -20.72
C1 GAL G . 15.73 8.05 -15.06
C2 GAL G . 15.48 7.50 -13.66
C3 GAL G . 14.17 8.04 -13.12
C4 GAL G . 14.14 9.57 -13.24
C5 GAL G . 14.47 10.01 -14.67
C6 GAL G . 14.48 11.53 -14.88
O2 GAL G . 15.47 6.09 -13.78
O3 GAL G . 14.06 7.52 -11.89
O4 GAL G . 15.12 10.05 -12.34
O5 GAL G . 15.71 9.46 -15.05
O6 GAL G . 14.79 11.87 -16.22
C1 NAG G . 12.82 7.01 -11.47
C2 NAG G . 13.06 6.01 -10.35
C3 NAG G . 11.73 5.41 -9.95
C4 NAG G . 10.76 6.53 -9.54
C5 NAG G . 10.70 7.70 -10.55
C6 NAG G . 10.05 8.93 -9.87
C7 NAG G . 15.29 5.01 -10.45
C8 NAG G . 16.15 3.99 -11.13
N2 NAG G . 13.99 4.94 -10.72
O3 NAG G . 11.95 4.52 -8.85
O4 NAG G . 9.48 5.96 -9.44
O5 NAG G . 11.99 8.06 -11.01
O6 NAG G . 10.92 9.44 -8.85
O7 NAG G . 15.81 5.87 -9.74
C1 GAL G . 8.96 6.07 -8.10
C2 GAL G . 7.46 5.84 -8.27
C3 GAL G . 6.73 5.71 -6.93
C4 GAL G . 7.50 4.79 -5.99
C5 GAL G . 8.95 5.26 -5.87
C6 GAL G . 9.69 4.47 -4.78
O2 GAL G . 6.95 6.92 -9.02
O3 GAL G . 5.46 5.16 -7.20
O4 GAL G . 7.47 3.46 -6.51
O5 GAL G . 9.56 5.18 -7.16
O6 GAL G . 11.08 4.75 -4.81
C1 NAG H . 39.97 -12.73 29.86
C2 NAG H . 39.01 -11.74 30.55
C3 NAG H . 37.95 -11.20 29.58
C4 NAG H . 38.44 -10.97 28.13
C5 NAG H . 39.43 -12.06 27.70
C6 NAG H . 40.02 -11.89 26.31
C7 NAG H . 37.91 -11.85 32.76
C8 NAG H . 37.87 -12.74 33.97
N2 NAG H . 38.33 -12.43 31.63
O1 NAG H . 41.04 -13.13 30.70
O3 NAG H . 37.38 -10.01 30.11
O4 NAG H . 37.26 -10.43 27.76
O5 NAG H . 40.47 -12.19 28.65
O6 NAG H . 41.19 -11.10 26.34
O7 NAG H . 37.55 -10.67 32.84
C1 GAL H . 37.04 -9.38 26.83
C2 GAL H . 36.36 -9.93 25.57
C3 GAL H . 35.97 -8.81 24.58
C4 GAL H . 35.49 -7.53 25.28
C5 GAL H . 36.33 -7.21 26.52
C6 GAL H . 35.91 -5.89 27.19
O2 GAL H . 37.25 -10.84 24.94
O3 GAL H . 35.27 -9.11 23.49
O4 GAL H . 34.15 -7.70 25.64
O5 GAL H . 36.26 -8.33 27.38
O6 GAL H . 35.80 -6.01 28.60
C1 NAG H . 35.50 -8.58 22.20
C2 NAG H . 34.96 -9.54 21.13
C3 NAG H . 35.08 -8.89 19.74
C4 NAG H . 34.36 -7.54 19.75
C5 NAG H . 35.01 -6.67 20.85
C6 NAG H . 34.35 -5.30 20.94
C7 NAG H . 35.21 -11.85 21.89
C8 NAG H . 36.12 -13.02 22.00
N2 NAG H . 35.64 -10.82 21.15
O3 NAG H . 34.49 -9.74 18.77
O4 NAG H . 34.49 -6.93 18.48
O5 NAG H . 34.86 -7.31 22.10
O6 NAG H . 32.99 -5.42 21.36
O7 NAG H . 34.12 -11.86 22.48
C1 GAL H . 33.23 -6.39 18.04
C2 GAL H . 33.44 -5.53 16.80
C3 GAL H . 32.07 -4.99 16.34
C4 GAL H . 31.03 -6.13 16.27
C5 GAL H . 30.95 -6.88 17.59
C6 GAL H . 29.99 -8.08 17.58
O2 GAL H . 34.29 -4.42 17.06
O3 GAL H . 32.27 -4.39 15.09
O4 GAL H . 31.41 -7.01 15.23
O5 GAL H . 32.26 -7.40 17.86
O6 GAL H . 29.96 -8.70 18.85
#